data_4EW7
#
_entry.id   4EW7
#
_cell.length_a   57.081
_cell.length_b   57.081
_cell.length_c   67.638
_cell.angle_alpha   90.00
_cell.angle_beta   90.00
_cell.angle_gamma   120.00
#
_symmetry.space_group_name_H-M   'P 32 2 1'
#
loop_
_entity.id
_entity.type
_entity.pdbx_description
1 polymer 'Conjugative transfer: regulation'
2 non-polymer 'SUCCINIC ACID'
3 non-polymer 'ACETIC ACID'
4 non-polymer 'PYRUVIC ACID'
5 non-polymer 'SODIUM ION'
6 non-polymer 'CHLORIDE ION'
7 non-polymer GLYCEROL
8 water water
#
_entity_poly.entity_id   1
_entity_poly.type   'polypeptide(L)'
_entity_poly.pdbx_seq_one_letter_code
;SNADRRERTLASQSVNKYILSIQDIYKNSPVPVCVRNQSRKIIYANGAFIELFSKEDQPLSGDSYNRYGVEVFLSSLELE
CQSLGHGAAFCRRFNFHGEIYQIR(MSE)ENISFDNNEIIVLWQINLFPDH
;
_entity_poly.pdbx_strand_id   A
#
# COMPACT_ATOMS: atom_id res chain seq x y z
N GLN A 13 -12.54 -5.48 14.25
CA GLN A 13 -12.57 -6.05 15.59
C GLN A 13 -11.14 -6.28 16.06
N SER A 14 -10.63 -7.48 15.82
CA SER A 14 -9.20 -7.73 15.99
C SER A 14 -8.49 -6.97 14.88
N VAL A 15 -9.19 -6.76 13.77
CA VAL A 15 -8.68 -5.92 12.69
C VAL A 15 -8.60 -4.48 13.16
N ASN A 16 -9.59 -4.05 13.95
CA ASN A 16 -9.57 -2.68 14.46
C ASN A 16 -8.41 -2.44 15.41
N LYS A 17 -8.08 -3.44 16.21
CA LYS A 17 -6.95 -3.35 17.13
C LYS A 17 -5.65 -3.30 16.35
N TYR A 18 -5.53 -4.14 15.32
CA TYR A 18 -4.35 -4.09 14.47
C TYR A 18 -4.18 -2.70 13.87
N ILE A 19 -5.27 -2.16 13.33
CA ILE A 19 -5.25 -0.83 12.74
C ILE A 19 -4.82 0.24 13.75
N LEU A 20 -5.33 0.15 14.98
CA LEU A 20 -4.96 1.11 16.02
C LEU A 20 -3.46 1.09 16.27
N SER A 21 -2.87 -0.11 16.28
CA SER A 21 -1.43 -0.24 16.47
C SER A 21 -0.64 0.37 15.31
N ILE A 22 -1.05 0.08 14.07
CA ILE A 22 -0.38 0.66 12.91
C ILE A 22 -0.45 2.17 12.99
N GLN A 23 -1.62 2.67 13.36
CA GLN A 23 -1.83 4.09 13.50
C GLN A 23 -0.89 4.71 14.55
N ASP A 24 -0.75 4.04 15.69
CA ASP A 24 0.12 4.51 16.77
C ASP A 24 1.55 4.65 16.28
N ILE A 25 1.96 3.72 15.43
CA ILE A 25 3.33 3.71 14.92
C ILE A 25 3.53 4.74 13.81
N TYR A 26 2.55 4.84 12.91
CA TYR A 26 2.78 5.53 11.64
C TYR A 26 2.03 6.87 11.44
N LYS A 27 1.17 7.24 12.38
CA LYS A 27 0.34 8.43 12.18
C LYS A 27 1.17 9.69 11.89
N ASN A 28 2.26 9.89 12.61
CA ASN A 28 3.04 11.10 12.42
C ASN A 28 4.28 10.89 11.57
N SER A 29 4.32 9.75 10.87
CA SER A 29 5.54 9.30 10.19
C SER A 29 5.71 9.82 8.78
N PRO A 30 6.97 10.06 8.37
CA PRO A 30 7.33 10.41 7.00
C PRO A 30 7.14 9.22 6.04
N VAL A 31 7.07 8.02 6.59
CA VAL A 31 6.94 6.79 5.79
C VAL A 31 5.50 6.61 5.32
N PRO A 32 5.27 6.59 4.00
CA PRO A 32 3.91 6.36 3.52
C PRO A 32 3.46 4.94 3.78
N VAL A 33 2.36 4.79 4.51
CA VAL A 33 1.83 3.50 4.85
C VAL A 33 0.31 3.46 4.65
N CYS A 34 -0.21 2.31 4.25
CA CYS A 34 -1.66 2.10 4.27
C CYS A 34 -1.95 0.65 4.58
N VAL A 35 -3.21 0.37 4.87
CA VAL A 35 -3.70 -1.00 5.05
C VAL A 35 -4.99 -1.14 4.25
N ARG A 36 -5.09 -2.17 3.42
CA ARG A 36 -6.28 -2.34 2.58
C ARG A 36 -6.97 -3.65 2.89
N ASN A 37 -8.29 -3.65 2.74
CA ASN A 37 -9.10 -4.86 2.92
C ASN A 37 -9.15 -5.69 1.64
N GLN A 38 -9.92 -6.78 1.66
N GLN A 38 -9.93 -6.78 1.66
CA GLN A 38 -9.97 -7.72 0.55
CA GLN A 38 -9.95 -7.73 0.55
C GLN A 38 -10.64 -7.16 -0.69
C GLN A 38 -10.70 -7.20 -0.67
N SER A 39 -11.39 -6.08 -0.51
CA SER A 39 -12.10 -5.44 -1.61
C SER A 39 -11.30 -4.28 -2.19
N ARG A 40 -10.00 -4.27 -1.94
CA ARG A 40 -9.10 -3.21 -2.41
C ARG A 40 -9.46 -1.85 -1.83
N LYS A 41 -10.07 -1.84 -0.64
CA LYS A 41 -10.42 -0.58 0.00
C LYS A 41 -9.42 -0.23 1.10
N ILE A 42 -8.99 1.03 1.11
CA ILE A 42 -8.13 1.52 2.18
C ILE A 42 -8.90 1.61 3.49
N ILE A 43 -8.40 0.94 4.52
CA ILE A 43 -9.03 1.00 5.83
C ILE A 43 -8.14 1.75 6.80
N TYR A 44 -6.91 2.02 6.39
CA TYR A 44 -6.03 2.92 7.12
C TYR A 44 -4.97 3.48 6.19
N ALA A 45 -4.66 4.76 6.33
CA ALA A 45 -3.53 5.37 5.61
C ALA A 45 -3.04 6.54 6.44
N ASN A 46 -1.74 6.79 6.44
CA ASN A 46 -1.24 7.97 7.14
C ASN A 46 -1.12 9.18 6.23
N GLY A 47 -0.83 10.34 6.82
CA GLY A 47 -0.68 11.57 6.05
C GLY A 47 0.32 11.45 4.91
N ALA A 48 1.45 10.80 5.19
CA ALA A 48 2.50 10.64 4.17
C ALA A 48 1.97 9.88 2.96
N PHE A 49 1.18 8.84 3.20
CA PHE A 49 0.60 8.08 2.09
C PHE A 49 -0.41 8.92 1.31
N ILE A 50 -1.26 9.64 2.04
CA ILE A 50 -2.25 10.48 1.37
C ILE A 50 -1.56 11.49 0.46
N GLU A 51 -0.52 12.11 0.98
CA GLU A 51 0.20 13.14 0.23
C GLU A 51 0.94 12.57 -0.98
N LEU A 52 1.51 11.39 -0.82
CA LEU A 52 2.20 10.73 -1.93
C LEU A 52 1.26 10.55 -3.12
N PHE A 53 0.09 9.98 -2.88
CA PHE A 53 -0.82 9.67 -3.96
C PHE A 53 -1.84 10.78 -4.27
N SER A 54 -1.62 11.96 -3.71
CA SER A 54 -2.47 13.11 -4.00
C SER A 54 -1.94 13.89 -5.20
N LYS A 55 -0.75 13.53 -5.67
CA LYS A 55 -0.20 14.18 -6.85
C LYS A 55 -1.20 14.04 -7.99
N GLU A 56 -1.60 15.16 -8.58
CA GLU A 56 -2.50 15.10 -9.72
C GLU A 56 -1.77 14.51 -10.91
N ASP A 57 -2.48 13.67 -11.66
CA ASP A 57 -1.93 13.15 -12.91
C ASP A 57 -1.38 14.29 -13.75
N GLN A 58 -0.19 14.09 -14.31
CA GLN A 58 0.36 15.00 -15.30
C GLN A 58 0.60 14.14 -16.52
N PRO A 59 -0.50 13.78 -17.21
CA PRO A 59 -0.44 12.69 -18.19
C PRO A 59 0.61 12.91 -19.28
N LEU A 60 0.92 14.16 -19.61
CA LEU A 60 1.88 14.45 -20.68
C LEU A 60 3.36 14.38 -20.27
N SER A 61 3.66 14.30 -18.99
CA SER A 61 5.05 14.30 -18.52
C SER A 61 5.79 12.97 -18.73
N GLY A 62 5.05 11.88 -18.85
CA GLY A 62 5.67 10.59 -19.00
C GLY A 62 4.77 9.47 -18.54
N ASP A 63 5.17 8.23 -18.83
CA ASP A 63 4.29 7.11 -18.55
C ASP A 63 4.10 6.79 -17.08
N SER A 64 4.93 7.39 -16.21
CA SER A 64 4.84 7.17 -14.76
C SER A 64 4.07 8.28 -14.05
N TYR A 65 3.64 9.29 -14.81
CA TYR A 65 2.98 10.46 -14.24
C TYR A 65 1.47 10.33 -14.25
N ASN A 66 0.98 9.10 -14.22
CA ASN A 66 -0.43 8.84 -13.96
C ASN A 66 -0.53 7.59 -13.09
N ARG A 67 -1.65 7.47 -12.41
CA ARG A 67 -1.81 6.45 -11.38
C ARG A 67 -2.20 5.07 -11.90
N TYR A 68 -2.70 5.01 -13.14
CA TYR A 68 -3.36 3.81 -13.64
C TYR A 68 -2.48 2.57 -13.84
N GLY A 69 -1.29 2.74 -14.40
CA GLY A 69 -0.39 1.62 -14.58
C GLY A 69 0.09 1.10 -13.24
N VAL A 70 0.47 2.02 -12.36
N VAL A 70 0.47 2.03 -12.38
CA VAL A 70 0.94 1.63 -11.04
CA VAL A 70 0.93 1.69 -11.04
C VAL A 70 -0.19 1.02 -10.23
C VAL A 70 -0.17 1.06 -10.20
N GLU A 71 -1.41 1.53 -10.39
CA GLU A 71 -2.55 0.96 -9.68
C GLU A 71 -2.72 -0.51 -10.02
N VAL A 72 -2.62 -0.84 -11.30
CA VAL A 72 -2.81 -2.21 -11.72
C VAL A 72 -1.68 -3.09 -11.24
N PHE A 73 -0.46 -2.57 -11.32
CA PHE A 73 0.69 -3.30 -10.81
C PHE A 73 0.51 -3.54 -9.32
N LEU A 74 0.17 -2.49 -8.57
CA LEU A 74 0.11 -2.62 -7.11
C LEU A 74 -1.08 -3.47 -6.68
N SER A 75 -2.18 -3.36 -7.40
CA SER A 75 -3.33 -4.21 -7.10
C SER A 75 -3.00 -5.65 -7.42
N SER A 76 -2.25 -5.87 -8.50
CA SER A 76 -1.81 -7.24 -8.84
C SER A 76 -0.88 -7.82 -7.77
N LEU A 77 0.10 -7.03 -7.32
CA LEU A 77 0.98 -7.43 -6.23
C LEU A 77 0.15 -7.76 -4.99
N GLU A 78 -0.84 -6.93 -4.71
CA GLU A 78 -1.66 -7.13 -3.50
C GLU A 78 -2.42 -8.45 -3.57
N LEU A 79 -2.96 -8.77 -4.74
CA LEU A 79 -3.67 -10.02 -4.92
C LEU A 79 -2.72 -11.20 -4.71
N GLU A 80 -1.49 -11.08 -5.20
CA GLU A 80 -0.49 -12.11 -4.98
C GLU A 80 -0.22 -12.24 -3.47
N CYS A 81 -0.03 -11.11 -2.80
CA CYS A 81 0.16 -11.12 -1.36
C CYS A 81 -1.00 -11.81 -0.63
N GLN A 82 -2.23 -11.49 -1.01
CA GLN A 82 -3.37 -12.15 -0.39
C GLN A 82 -3.31 -13.66 -0.61
N SER A 83 -2.96 -14.07 -1.81
CA SER A 83 -2.88 -15.48 -2.17
C SER A 83 -1.81 -16.27 -1.45
N LEU A 84 -0.69 -15.63 -1.12
CA LEU A 84 0.43 -16.28 -0.42
C LEU A 84 0.13 -16.68 1.04
N GLY A 85 -0.90 -16.11 1.64
CA GLY A 85 -1.33 -16.56 2.96
C GLY A 85 -0.79 -15.74 4.11
N HIS A 86 -1.31 -16.00 5.31
CA HIS A 86 -0.94 -15.25 6.50
C HIS A 86 0.57 -15.18 6.67
N GLY A 87 1.08 -13.97 6.85
CA GLY A 87 2.49 -13.76 7.12
C GLY A 87 3.34 -13.57 5.87
N ALA A 88 2.75 -13.81 4.70
CA ALA A 88 3.49 -13.64 3.45
C ALA A 88 3.84 -12.18 3.26
N ALA A 89 5.03 -11.92 2.76
CA ALA A 89 5.46 -10.56 2.51
C ALA A 89 6.53 -10.54 1.44
N PHE A 90 6.64 -9.41 0.76
CA PHE A 90 7.68 -9.21 -0.24
C PHE A 90 7.88 -7.74 -0.51
N CYS A 91 9.00 -7.41 -1.16
CA CYS A 91 9.36 -6.05 -1.49
C CYS A 91 9.54 -5.98 -3.01
N ARG A 92 8.95 -4.97 -3.63
CA ARG A 92 9.11 -4.78 -5.08
C ARG A 92 9.36 -3.30 -5.37
N ARG A 93 9.68 -2.97 -6.62
CA ARG A 93 9.86 -1.57 -6.96
C ARG A 93 8.86 -1.10 -8.01
N PHE A 94 8.58 0.20 -8.03
CA PHE A 94 7.72 0.78 -9.07
C PHE A 94 8.11 2.23 -9.31
N ASN A 95 7.67 2.79 -10.43
CA ASN A 95 7.97 4.16 -10.78
C ASN A 95 6.71 5.00 -10.67
N PHE A 96 6.84 6.21 -10.14
CA PHE A 96 5.70 7.10 -10.00
C PHE A 96 6.19 8.54 -10.08
N HIS A 97 5.64 9.31 -11.03
CA HIS A 97 6.08 10.68 -11.30
C HIS A 97 7.59 10.82 -11.36
N GLY A 98 8.22 9.91 -12.10
CA GLY A 98 9.62 10.06 -12.45
C GLY A 98 10.60 9.68 -11.35
N GLU A 99 10.07 9.14 -10.25
CA GLU A 99 10.90 8.62 -9.17
C GLU A 99 10.68 7.13 -8.99
N ILE A 100 11.71 6.44 -8.48
CA ILE A 100 11.63 5.02 -8.21
C ILE A 100 11.34 4.83 -6.75
N TYR A 101 10.36 3.96 -6.47
CA TYR A 101 9.96 3.62 -5.10
C TYR A 101 10.08 2.12 -4.87
N GLN A 102 10.23 1.73 -3.61
CA GLN A 102 10.02 0.34 -3.25
C GLN A 102 8.75 0.26 -2.46
N ILE A 103 8.10 -0.89 -2.54
CA ILE A 103 6.95 -1.14 -1.68
C ILE A 103 7.08 -2.51 -1.03
N ARG A 104 6.82 -2.56 0.28
CA ARG A 104 6.72 -3.83 0.97
C ARG A 104 5.24 -4.10 1.23
N GLU A 106 2.51 -6.93 3.11
CA GLU A 106 2.42 -8.03 4.07
C GLU A 106 0.98 -8.46 4.27
N ASN A 107 0.77 -9.77 4.22
CA ASN A 107 -0.54 -10.38 4.47
C ASN A 107 -0.78 -10.56 5.96
N ILE A 108 -1.83 -9.95 6.50
CA ILE A 108 -2.25 -10.27 7.86
C ILE A 108 -3.64 -10.87 7.79
N SER A 109 -3.75 -12.13 8.19
CA SER A 109 -5.03 -12.82 8.16
C SER A 109 -5.52 -13.08 9.58
N PHE A 110 -6.82 -13.05 9.76
CA PHE A 110 -7.42 -13.20 11.08
C PHE A 110 -8.21 -14.49 11.16
N ASP A 111 -8.62 -14.85 12.38
CA ASP A 111 -9.20 -16.16 12.63
C ASP A 111 -10.42 -16.48 11.76
N ASN A 112 -11.09 -15.45 11.25
CA ASN A 112 -12.24 -15.64 10.38
C ASN A 112 -11.85 -15.59 8.90
N ASN A 113 -10.56 -15.76 8.63
CA ASN A 113 -10.03 -15.72 7.27
C ASN A 113 -10.24 -14.37 6.59
N GLU A 114 -10.43 -13.35 7.41
CA GLU A 114 -10.46 -11.97 6.93
C GLU A 114 -9.01 -11.59 6.62
N ILE A 115 -8.78 -11.02 5.45
CA ILE A 115 -7.42 -10.70 5.02
C ILE A 115 -7.20 -9.20 4.82
N ILE A 116 -6.18 -8.66 5.48
CA ILE A 116 -5.77 -7.27 5.23
C ILE A 116 -4.32 -7.25 4.76
N VAL A 117 -3.96 -6.23 3.99
CA VAL A 117 -2.60 -6.14 3.50
C VAL A 117 -2.00 -4.78 3.88
N LEU A 118 -0.86 -4.83 4.54
CA LEU A 118 -0.10 -3.64 4.90
C LEU A 118 0.80 -3.22 3.74
N TRP A 119 0.75 -1.95 3.37
CA TRP A 119 1.68 -1.40 2.37
C TRP A 119 2.64 -0.44 3.07
N GLN A 120 3.93 -0.56 2.79
CA GLN A 120 4.90 0.42 3.27
C GLN A 120 5.78 0.84 2.11
N ILE A 121 5.86 2.13 1.85
CA ILE A 121 6.53 2.61 0.65
C ILE A 121 7.76 3.46 1.02
N ASN A 122 8.82 3.35 0.23
CA ASN A 122 9.96 4.22 0.37
C ASN A 122 10.52 4.62 -0.98
N LEU A 123 11.19 5.76 -1.02
CA LEU A 123 11.97 6.15 -2.18
C LEU A 123 13.18 5.21 -2.36
N PHE A 124 13.49 4.87 -3.61
CA PHE A 124 14.52 3.86 -3.88
C PHE A 124 15.88 4.43 -3.54
N PRO A 125 16.68 3.64 -2.81
CA PRO A 125 17.95 4.14 -2.24
C PRO A 125 19.04 4.34 -3.30
#